data_5D9V
#
_entry.id   5D9V
#
_cell.length_a   46.966
_cell.length_b   47.905
_cell.length_c   51.900
_cell.angle_alpha   90.00
_cell.angle_beta   107.24
_cell.angle_gamma   90.00
#
_symmetry.space_group_name_H-M   'P 1 21 1'
#
loop_
_entity.id
_entity.type
_entity.pdbx_description
1 polymer 'Dehydroascorbate reductase'
2 non-polymer 'CALCIUM ION'
3 non-polymer DI(HYDROXYETHYL)ETHER
4 water water
#
_entity_poly.entity_id   1
_entity_poly.type   'polypeptide(L)'
_entity_poly.pdbx_seq_one_letter_code
;MHHHHHHASENLYFQGAMGVEVCVKAAVGHPDTLGD(OCS)PFSQRVLLTLEEKKVPYEMKLIDVQNKPDWFLKISPEGK
VPVFNGGDGKWIPDSDVITQVIEEKYPTPSLVTPPEYASVGSKIFSCFTTFLKSKDPNDGSEKALLTELQALEEHLKAHG
PFINGQNISAADLSLAPKLYHLQVALEHFKGWKIPEDLTNVHAYTEALFSRESFIKTKAAKEHLIAGWAPKVNA
;
_entity_poly.pdbx_strand_id   A
#
# COMPACT_ATOMS: atom_id res chain seq x y z
N MET A 18 17.54 -19.28 -5.30
CA MET A 18 16.65 -20.03 -4.42
C MET A 18 15.22 -19.47 -4.39
N GLY A 19 14.50 -19.81 -3.32
CA GLY A 19 13.11 -19.42 -3.17
C GLY A 19 12.94 -18.00 -2.68
N VAL A 20 11.90 -17.34 -3.19
CA VAL A 20 11.62 -15.96 -2.82
C VAL A 20 10.92 -15.90 -1.48
N GLU A 21 11.38 -14.99 -0.63
CA GLU A 21 10.83 -14.85 0.71
C GLU A 21 10.62 -13.38 1.04
N VAL A 22 9.59 -13.06 1.80
CA VAL A 22 9.39 -11.67 2.19
C VAL A 22 8.94 -11.59 3.66
N CYS A 23 9.56 -10.69 4.41
CA CYS A 23 9.14 -10.39 5.79
C CYS A 23 8.24 -9.18 5.78
N VAL A 24 7.05 -9.33 6.38
CA VAL A 24 6.05 -8.26 6.45
C VAL A 24 5.54 -8.14 7.89
N LYS A 25 4.77 -7.09 8.18
CA LYS A 25 4.32 -6.90 9.55
C LYS A 25 3.09 -7.73 9.89
N ALA A 26 3.09 -8.31 11.09
CA ALA A 26 1.89 -8.94 11.61
C ALA A 26 0.96 -7.88 12.18
N ALA A 27 -0.33 -8.21 12.27
CA ALA A 27 -1.27 -7.31 12.92
C ALA A 27 -0.92 -7.14 14.40
N VAL A 28 -1.08 -5.93 14.94
CA VAL A 28 -0.76 -5.68 16.34
C VAL A 28 -1.53 -6.63 17.26
N GLY A 29 -0.81 -7.31 18.14
CA GLY A 29 -1.43 -8.24 19.07
C GLY A 29 -1.82 -9.59 18.47
N HIS A 30 -1.54 -9.78 17.19
CA HIS A 30 -1.90 -11.01 16.47
C HIS A 30 -0.76 -11.49 15.58
N PRO A 31 0.20 -12.23 16.16
CA PRO A 31 1.46 -12.53 15.48
C PRO A 31 1.34 -13.44 14.27
N ASP A 32 0.26 -14.19 14.14
CA ASP A 32 0.13 -15.09 12.99
C ASP A 32 -0.92 -14.60 11.99
N THR A 33 -1.23 -13.31 12.08
CA THR A 33 -2.18 -12.65 11.21
C THR A 33 -1.51 -11.49 10.46
N LEU A 34 -1.79 -11.38 9.17
CA LEU A 34 -1.21 -10.33 8.34
C LEU A 34 -1.63 -8.94 8.81
N GLY A 35 -0.68 -8.00 8.86
CA GLY A 35 -0.94 -6.65 9.31
C GLY A 35 -1.35 -5.71 8.20
N ASP A 36 -1.30 -4.42 8.48
CA ASP A 36 -1.85 -3.40 7.57
C ASP A 36 -0.78 -2.50 6.93
N PRO A 38 1.25 -0.63 4.54
CA PRO A 38 0.96 -0.47 3.11
C PRO A 38 2.16 -0.69 2.18
N PHE A 39 3.36 -0.56 2.70
CA PHE A 39 4.59 -0.78 1.94
C PHE A 39 4.84 -2.29 1.76
N SER A 40 4.67 -3.02 2.86
CA SER A 40 4.59 -4.47 2.79
C SER A 40 3.53 -4.90 1.79
N GLN A 41 2.33 -4.29 1.86
CA GLN A 41 1.26 -4.78 0.99
C GLN A 41 1.61 -4.51 -0.47
N ARG A 42 2.26 -3.39 -0.75
CA ARG A 42 2.73 -3.09 -2.11
C ARG A 42 3.61 -4.22 -2.64
N VAL A 43 4.54 -4.66 -1.79
CA VAL A 43 5.41 -5.78 -2.17
C VAL A 43 4.61 -7.07 -2.44
N LEU A 44 3.71 -7.41 -1.51
CA LEU A 44 2.92 -8.63 -1.66
C LEU A 44 2.05 -8.58 -2.92
N LEU A 45 1.45 -7.42 -3.20
CA LEU A 45 0.63 -7.24 -4.39
C LEU A 45 1.45 -7.46 -5.63
N THR A 46 2.68 -6.95 -5.61
CA THR A 46 3.58 -7.11 -6.74
C THR A 46 3.88 -8.59 -7.00
N LEU A 47 4.19 -9.33 -5.95
CA LEU A 47 4.46 -10.76 -6.12
C LEU A 47 3.23 -11.55 -6.59
N GLU A 48 2.08 -11.25 -5.98
CA GLU A 48 0.83 -11.87 -6.37
C GLU A 48 0.47 -11.63 -7.84
N GLU A 49 0.53 -10.38 -8.27
CA GLU A 49 0.14 -10.04 -9.64
C GLU A 49 1.11 -10.63 -10.66
N LYS A 50 2.38 -10.76 -10.29
CA LYS A 50 3.35 -11.34 -11.21
C LYS A 50 3.39 -12.87 -11.08
N LYS A 51 2.54 -13.42 -10.22
CA LYS A 51 2.39 -14.89 -10.06
C LYS A 51 3.68 -15.52 -9.57
N VAL A 52 4.45 -14.78 -8.78
CA VAL A 52 5.74 -15.30 -8.30
C VAL A 52 5.49 -16.09 -7.04
N PRO A 53 5.96 -17.34 -7.00
CA PRO A 53 5.79 -18.07 -5.74
C PRO A 53 6.64 -17.46 -4.66
N TYR A 54 6.09 -17.33 -3.45
CA TYR A 54 6.89 -16.78 -2.37
C TYR A 54 6.45 -17.30 -1.02
N GLU A 55 7.37 -17.27 -0.06
CA GLU A 55 7.02 -17.52 1.32
C GLU A 55 6.94 -16.22 2.10
N MET A 56 5.85 -16.06 2.84
CA MET A 56 5.64 -14.87 3.64
C MET A 56 6.01 -15.17 5.09
N LYS A 57 6.78 -14.28 5.69
CA LYS A 57 7.14 -14.42 7.09
C LYS A 57 6.57 -13.24 7.86
N LEU A 58 5.72 -13.52 8.83
CA LEU A 58 5.05 -12.46 9.58
C LEU A 58 5.91 -12.06 10.76
N ILE A 59 6.18 -10.77 10.90
CA ILE A 59 6.99 -10.25 11.98
C ILE A 59 6.15 -9.47 12.98
N ASP A 60 6.14 -9.92 14.23
CA ASP A 60 5.58 -9.12 15.32
C ASP A 60 6.54 -7.97 15.62
N VAL A 61 6.20 -6.75 15.18
CA VAL A 61 7.15 -5.66 15.29
C VAL A 61 7.33 -5.18 16.73
N GLN A 62 6.50 -5.69 17.66
CA GLN A 62 6.73 -5.43 19.07
C GLN A 62 7.43 -6.58 19.79
N ASN A 63 7.75 -7.63 19.04
CA ASN A 63 8.48 -8.77 19.60
C ASN A 63 9.25 -9.45 18.47
N LYS A 64 10.24 -8.75 17.93
CA LYS A 64 10.94 -9.27 16.76
C LYS A 64 11.80 -10.45 17.15
N PRO A 65 11.81 -11.49 16.32
CA PRO A 65 12.65 -12.65 16.63
C PRO A 65 14.11 -12.40 16.24
N ASP A 66 15.05 -13.05 16.93
CA ASP A 66 16.46 -12.73 16.72
C ASP A 66 16.94 -13.06 15.30
N TRP A 67 16.39 -14.13 14.71
CA TRP A 67 16.82 -14.51 13.37
C TRP A 67 16.52 -13.37 12.42
N PHE A 68 15.44 -12.63 12.70
CA PHE A 68 15.06 -11.49 11.87
C PHE A 68 15.98 -10.29 12.10
N LEU A 69 16.34 -10.05 13.36
CA LEU A 69 17.24 -8.95 13.70
C LEU A 69 18.61 -9.16 13.07
N LYS A 70 18.99 -10.42 12.85
CA LYS A 70 20.27 -10.67 12.23
C LYS A 70 20.29 -10.30 10.74
N ILE A 71 19.15 -10.44 10.07
CA ILE A 71 19.12 -10.11 8.65
C ILE A 71 18.51 -8.73 8.40
N SER A 72 17.90 -8.16 9.44
CA SER A 72 17.33 -6.82 9.32
C SER A 72 17.69 -6.03 10.58
N PRO A 73 18.95 -5.56 10.66
CA PRO A 73 19.49 -5.08 11.94
C PRO A 73 18.83 -3.82 12.48
N GLU A 74 18.17 -3.04 11.63
CA GLU A 74 17.46 -1.87 12.11
C GLU A 74 15.99 -2.17 12.35
N GLY A 75 15.61 -3.44 12.21
CA GLY A 75 14.24 -3.86 12.46
C GLY A 75 13.28 -3.50 11.33
N LYS A 76 13.84 -3.07 10.19
CA LYS A 76 13.04 -2.62 9.05
C LYS A 76 12.18 -3.73 8.44
N VAL A 77 10.95 -3.35 8.14
CA VAL A 77 9.96 -4.20 7.50
C VAL A 77 9.26 -3.32 6.46
N PRO A 78 9.02 -3.83 5.24
CA PRO A 78 9.31 -5.17 4.70
C PRO A 78 10.78 -5.36 4.36
N VAL A 79 11.22 -6.62 4.37
CA VAL A 79 12.47 -6.94 3.69
C VAL A 79 12.24 -8.12 2.77
N PHE A 80 13.02 -8.16 1.69
CA PHE A 80 12.79 -9.10 0.60
C PHE A 80 14.05 -9.89 0.27
N ASN A 81 13.89 -11.21 0.14
CA ASN A 81 14.97 -12.10 -0.27
C ASN A 81 14.61 -12.72 -1.62
N GLY A 82 15.33 -12.29 -2.66
CA GLY A 82 15.01 -12.70 -4.02
C GLY A 82 15.69 -13.98 -4.43
N GLY A 83 16.17 -14.72 -3.44
CA GLY A 83 16.89 -15.96 -3.70
C GLY A 83 18.37 -15.76 -4.02
N ASP A 84 18.88 -14.55 -3.80
CA ASP A 84 20.26 -14.24 -4.13
C ASP A 84 21.13 -13.94 -2.92
N GLY A 85 20.79 -14.53 -1.78
CA GLY A 85 21.66 -14.51 -0.62
C GLY A 85 21.71 -13.18 0.11
N LYS A 86 20.64 -12.42 0.02
CA LYS A 86 20.56 -11.16 0.77
C LYS A 86 19.13 -10.69 0.97
N TRP A 87 18.92 -9.92 2.05
CA TRP A 87 17.63 -9.31 2.37
C TRP A 87 17.67 -7.81 2.15
N ILE A 88 16.80 -7.29 1.31
CA ILE A 88 16.85 -5.86 1.02
C ILE A 88 15.57 -5.18 1.50
N PRO A 89 15.72 -3.95 2.01
CA PRO A 89 14.59 -3.10 2.44
C PRO A 89 14.13 -2.16 1.32
N ASP A 90 13.14 -1.32 1.63
CA ASP A 90 12.66 -0.20 0.80
C ASP A 90 11.76 -0.69 -0.32
N SER A 91 10.44 -0.53 -0.18
CA SER A 91 9.50 -1.12 -1.15
C SER A 91 9.67 -0.58 -2.59
N ASP A 92 10.24 0.62 -2.74
CA ASP A 92 10.59 1.14 -4.07
C ASP A 92 11.64 0.25 -4.73
N VAL A 93 12.72 0.04 -3.99
CA VAL A 93 13.83 -0.79 -4.44
C VAL A 93 13.37 -2.23 -4.65
N ILE A 94 12.63 -2.76 -3.69
CA ILE A 94 12.14 -4.13 -3.80
C ILE A 94 11.27 -4.35 -5.04
N THR A 95 10.34 -3.44 -5.30
CA THR A 95 9.46 -3.68 -6.43
C THR A 95 10.21 -3.51 -7.74
N GLN A 96 11.25 -2.66 -7.76
CA GLN A 96 12.11 -2.58 -8.94
C GLN A 96 12.90 -3.87 -9.17
N VAL A 97 13.44 -4.45 -8.11
CA VAL A 97 14.14 -5.74 -8.21
C VAL A 97 13.21 -6.83 -8.74
N ILE A 98 12.00 -6.88 -8.21
CA ILE A 98 11.03 -7.86 -8.71
C ILE A 98 10.69 -7.62 -10.17
N GLU A 99 10.52 -6.36 -10.57
CA GLU A 99 10.30 -6.03 -11.98
C GLU A 99 11.44 -6.54 -12.88
N GLU A 100 12.67 -6.38 -12.42
CA GLU A 100 13.83 -6.78 -13.21
C GLU A 100 13.92 -8.30 -13.33
N LYS A 101 13.57 -8.99 -12.25
CA LYS A 101 13.74 -10.45 -12.19
C LYS A 101 12.58 -11.21 -12.85
N TYR A 102 11.41 -10.61 -12.83
CA TYR A 102 10.19 -11.20 -13.38
C TYR A 102 9.45 -10.18 -14.25
N PRO A 103 9.89 -10.05 -15.50
CA PRO A 103 9.44 -8.93 -16.35
C PRO A 103 8.00 -9.04 -16.87
N THR A 104 7.42 -10.23 -16.83
CA THR A 104 6.09 -10.45 -17.42
C THR A 104 5.14 -11.04 -16.37
N PRO A 105 3.99 -10.37 -16.11
CA PRO A 105 3.48 -9.14 -16.73
C PRO A 105 4.31 -7.93 -16.37
N SER A 106 4.41 -6.98 -17.29
CA SER A 106 5.15 -5.78 -17.01
C SER A 106 4.32 -4.85 -16.15
N LEU A 107 4.90 -4.43 -15.02
CA LEU A 107 4.24 -3.45 -14.16
C LEU A 107 4.98 -2.12 -14.22
N VAL A 108 5.77 -1.89 -15.26
CA VAL A 108 6.49 -0.64 -15.37
C VAL A 108 5.51 0.52 -15.59
N THR A 109 5.58 1.51 -14.72
CA THR A 109 4.80 2.73 -14.90
C THR A 109 5.68 3.79 -15.56
N PRO A 110 5.18 4.40 -16.64
CA PRO A 110 5.90 5.50 -17.31
C PRO A 110 6.28 6.61 -16.33
N PRO A 111 7.52 7.12 -16.43
CA PRO A 111 8.06 8.14 -15.52
C PRO A 111 7.16 9.36 -15.37
N GLU A 112 6.43 9.72 -16.42
CA GLU A 112 5.60 10.92 -16.39
C GLU A 112 4.34 10.73 -15.54
N TYR A 113 4.11 9.50 -15.09
CA TYR A 113 2.96 9.20 -14.23
C TYR A 113 3.41 8.71 -12.86
N ALA A 114 4.69 8.91 -12.54
CA ALA A 114 5.29 8.37 -11.32
C ALA A 114 4.73 8.99 -10.06
N SER A 115 4.48 10.30 -10.09
CA SER A 115 4.07 11.02 -8.90
C SER A 115 2.56 11.14 -8.77
N VAL A 116 1.81 10.44 -9.62
CA VAL A 116 0.35 10.49 -9.57
C VAL A 116 -0.14 10.01 -8.21
N GLY A 117 -0.83 10.88 -7.47
CA GLY A 117 -1.36 10.54 -6.16
C GLY A 117 -0.32 10.41 -5.06
N SER A 118 0.85 11.00 -5.27
CA SER A 118 2.00 10.83 -4.37
C SER A 118 1.82 11.51 -3.01
N LYS A 119 0.92 12.48 -2.94
CA LYS A 119 0.72 13.20 -1.67
C LYS A 119 -0.56 12.78 -0.96
N ILE A 120 -1.26 11.78 -1.49
CA ILE A 120 -2.54 11.42 -0.93
C ILE A 120 -2.39 10.84 0.47
N PHE A 121 -1.46 9.90 0.65
CA PHE A 121 -1.30 9.24 1.95
C PHE A 121 -0.91 10.23 3.07
N SER A 122 0.03 11.14 2.79
CA SER A 122 0.46 12.09 3.82
C SER A 122 -0.64 13.08 4.19
N CYS A 123 -1.38 13.53 3.17
CA CYS A 123 -2.50 14.43 3.38
C CYS A 123 -3.59 13.72 4.19
N PHE A 124 -3.76 12.44 3.92
CA PHE A 124 -4.70 11.61 4.66
C PHE A 124 -4.31 11.52 6.13
N THR A 125 -3.04 11.27 6.40
CA THR A 125 -2.56 11.08 7.76
C THR A 125 -2.72 12.38 8.56
N THR A 126 -2.42 13.50 7.90
CA THR A 126 -2.57 14.79 8.55
C THR A 126 -4.04 15.10 8.86
N PHE A 127 -4.92 14.84 7.89
CA PHE A 127 -6.35 15.09 8.11
C PHE A 127 -6.92 14.16 9.19
N LEU A 128 -6.48 12.90 9.18
CA LEU A 128 -6.90 11.93 10.18
C LEU A 128 -6.50 12.35 11.59
N LYS A 129 -5.27 12.82 11.75
CA LYS A 129 -4.76 13.19 13.08
C LYS A 129 -5.21 14.59 13.51
N SER A 130 -5.84 15.33 12.60
CA SER A 130 -6.31 16.68 12.90
C SER A 130 -7.50 16.67 13.85
N LYS A 131 -7.43 17.53 14.86
CA LYS A 131 -8.53 17.69 15.81
C LYS A 131 -9.07 19.12 15.74
N ASP A 132 -8.84 19.77 14.60
CA ASP A 132 -9.37 21.09 14.32
C ASP A 132 -9.99 21.12 12.92
N PRO A 133 -11.33 21.17 12.85
CA PRO A 133 -12.12 21.09 11.61
C PRO A 133 -11.78 22.15 10.55
N ASN A 134 -11.23 23.29 10.96
CA ASN A 134 -10.96 24.36 10.02
C ASN A 134 -9.49 24.66 9.80
N ASP A 135 -8.63 23.64 9.96
CA ASP A 135 -7.19 23.87 9.83
C ASP A 135 -6.70 23.67 8.40
N GLY A 136 -7.60 23.31 7.49
CA GLY A 136 -7.28 23.22 6.08
C GLY A 136 -6.79 21.88 5.55
N SER A 137 -6.68 20.88 6.40
CA SER A 137 -6.14 19.59 5.98
C SER A 137 -7.08 18.83 5.03
N GLU A 138 -8.39 19.00 5.27
CA GLU A 138 -9.40 18.40 4.42
C GLU A 138 -9.28 18.95 2.99
N LYS A 139 -9.11 20.26 2.87
CA LYS A 139 -8.98 20.89 1.56
C LYS A 139 -7.79 20.33 0.79
N ALA A 140 -6.65 20.20 1.45
CA ALA A 140 -5.45 19.64 0.84
C ALA A 140 -5.67 18.20 0.34
N LEU A 141 -6.27 17.39 1.20
CA LEU A 141 -6.57 16.01 0.80
C LEU A 141 -7.48 16.00 -0.43
N LEU A 142 -8.49 16.86 -0.41
CA LEU A 142 -9.43 16.93 -1.52
C LEU A 142 -8.73 17.36 -2.79
N THR A 143 -7.76 18.27 -2.68
CA THR A 143 -7.01 18.73 -3.84
C THR A 143 -6.23 17.59 -4.48
N GLU A 144 -5.57 16.78 -3.65
CA GLU A 144 -4.84 15.63 -4.19
C GLU A 144 -5.79 14.58 -4.81
N LEU A 145 -6.92 14.33 -4.16
CA LEU A 145 -7.92 13.42 -4.72
C LEU A 145 -8.46 13.92 -6.07
N GLN A 146 -8.64 15.24 -6.17
CA GLN A 146 -9.10 15.84 -7.42
C GLN A 146 -8.06 15.67 -8.54
N ALA A 147 -6.78 15.80 -8.19
CA ALA A 147 -5.74 15.56 -9.18
C ALA A 147 -5.78 14.11 -9.67
N LEU A 148 -5.93 13.17 -8.73
CA LEU A 148 -6.07 11.77 -9.09
C LEU A 148 -7.27 11.57 -10.03
N GLU A 149 -8.37 12.25 -9.71
CA GLU A 149 -9.59 12.16 -10.50
C GLU A 149 -9.35 12.61 -11.94
N GLU A 150 -8.67 13.74 -12.10
CA GLU A 150 -8.41 14.25 -13.45
C GLU A 150 -7.48 13.32 -14.21
N HIS A 151 -6.45 12.80 -13.53
CA HIS A 151 -5.56 11.86 -14.19
C HIS A 151 -6.30 10.61 -14.67
N LEU A 152 -7.12 10.03 -13.79
CA LEU A 152 -7.86 8.83 -14.12
C LEU A 152 -8.87 9.07 -15.23
N LYS A 153 -9.49 10.25 -15.22
CA LYS A 153 -10.40 10.59 -16.30
C LYS A 153 -9.66 10.59 -17.64
N ALA A 154 -8.45 11.15 -17.65
CA ALA A 154 -7.73 11.32 -18.91
C ALA A 154 -7.02 10.04 -19.39
N HIS A 155 -6.57 9.21 -18.44
CA HIS A 155 -5.66 8.11 -18.74
C HIS A 155 -6.04 6.77 -18.09
N GLY A 156 -7.25 6.67 -17.55
CA GLY A 156 -7.70 5.47 -16.87
C GLY A 156 -7.85 4.26 -17.79
N PRO A 157 -8.36 3.14 -17.25
CA PRO A 157 -8.88 2.96 -15.88
C PRO A 157 -7.81 2.79 -14.79
N PHE A 158 -6.64 2.27 -15.12
CA PHE A 158 -5.52 2.24 -14.17
C PHE A 158 -4.66 3.48 -14.38
N ILE A 159 -3.60 3.65 -13.59
CA ILE A 159 -2.77 4.84 -13.74
C ILE A 159 -2.11 4.85 -15.13
N ASN A 160 -1.75 3.67 -15.64
CA ASN A 160 -1.23 3.59 -17.01
C ASN A 160 -2.19 2.92 -17.98
N GLY A 161 -3.46 3.35 -18.00
CA GLY A 161 -4.40 2.84 -18.98
C GLY A 161 -4.94 1.45 -18.70
N GLN A 162 -4.89 0.59 -19.71
CA GLN A 162 -5.57 -0.70 -19.65
C GLN A 162 -4.88 -1.75 -18.77
N ASN A 163 -3.55 -1.65 -18.66
CA ASN A 163 -2.78 -2.61 -17.89
C ASN A 163 -2.42 -2.10 -16.50
N ILE A 164 -2.56 -2.95 -15.50
CA ILE A 164 -2.18 -2.59 -14.13
C ILE A 164 -0.66 -2.39 -14.08
N SER A 165 -0.19 -1.56 -13.17
CA SER A 165 1.25 -1.31 -13.10
C SER A 165 1.66 -0.90 -11.69
N ALA A 166 2.95 -0.64 -11.52
CA ALA A 166 3.52 -0.47 -10.18
C ALA A 166 2.86 0.67 -9.39
N ALA A 167 2.48 1.73 -10.09
CA ALA A 167 1.93 2.89 -9.40
C ALA A 167 0.59 2.54 -8.73
N ASP A 168 -0.19 1.69 -9.38
CA ASP A 168 -1.44 1.19 -8.81
C ASP A 168 -1.20 0.37 -7.55
N LEU A 169 -0.14 -0.43 -7.55
CA LEU A 169 0.08 -1.32 -6.43
C LEU A 169 0.69 -0.59 -5.25
N SER A 170 1.32 0.56 -5.54
CA SER A 170 1.81 1.46 -4.49
C SER A 170 0.64 2.26 -3.89
N LEU A 171 -0.24 2.75 -4.75
CA LEU A 171 -1.31 3.64 -4.30
C LEU A 171 -2.49 2.90 -3.64
N ALA A 172 -2.85 1.71 -4.12
CA ALA A 172 -4.06 1.03 -3.59
C ALA A 172 -4.05 0.79 -2.07
N PRO A 173 -2.94 0.28 -1.49
CA PRO A 173 -2.94 0.10 -0.04
C PRO A 173 -3.17 1.38 0.76
N LYS A 174 -2.61 2.47 0.25
CA LYS A 174 -2.75 3.78 0.88
C LYS A 174 -4.19 4.30 0.80
N LEU A 175 -4.84 4.09 -0.35
CA LEU A 175 -6.24 4.49 -0.48
C LEU A 175 -7.14 3.64 0.42
N TYR A 176 -6.74 2.37 0.64
CA TYR A 176 -7.51 1.50 1.51
C TYR A 176 -7.49 2.05 2.95
N HIS A 177 -6.28 2.44 3.40
CA HIS A 177 -6.16 3.11 4.71
C HIS A 177 -7.03 4.36 4.78
N LEU A 178 -6.94 5.17 3.74
CA LEU A 178 -7.73 6.39 3.68
C LEU A 178 -9.21 6.10 3.89
N GLN A 179 -9.76 5.21 3.05
CA GLN A 179 -11.19 4.93 3.10
C GLN A 179 -11.62 4.40 4.48
N VAL A 180 -10.93 3.36 4.94
CA VAL A 180 -11.35 2.71 6.18
C VAL A 180 -11.19 3.62 7.41
N ALA A 181 -10.01 4.22 7.56
CA ALA A 181 -9.74 5.04 8.73
C ALA A 181 -10.57 6.34 8.72
N LEU A 182 -10.72 6.98 7.57
CA LEU A 182 -11.45 8.24 7.58
C LEU A 182 -12.93 8.00 7.81
N GLU A 183 -13.48 6.93 7.23
CA GLU A 183 -14.88 6.62 7.50
C GLU A 183 -15.06 6.32 8.98
N HIS A 184 -14.18 5.50 9.55
CA HIS A 184 -14.34 5.10 10.94
C HIS A 184 -14.17 6.25 11.93
N PHE A 185 -13.05 6.93 11.86
CA PHE A 185 -12.72 7.94 12.86
C PHE A 185 -13.42 9.28 12.64
N LYS A 186 -13.68 9.62 11.37
CA LYS A 186 -14.29 10.92 11.13
C LYS A 186 -15.63 10.87 10.41
N GLY A 187 -16.09 9.69 10.04
CA GLY A 187 -17.32 9.57 9.26
C GLY A 187 -17.22 10.27 7.92
N TRP A 188 -16.00 10.33 7.39
CA TRP A 188 -15.71 11.05 6.15
C TRP A 188 -15.52 10.08 4.98
N LYS A 189 -16.09 10.44 3.84
CA LYS A 189 -15.92 9.63 2.64
C LYS A 189 -15.49 10.48 1.43
N ILE A 190 -14.71 9.90 0.53
CA ILE A 190 -14.37 10.57 -0.72
C ILE A 190 -15.65 10.99 -1.43
N PRO A 191 -15.76 12.28 -1.78
CA PRO A 191 -16.97 12.78 -2.43
C PRO A 191 -17.40 11.92 -3.61
N GLU A 192 -18.71 11.72 -3.75
CA GLU A 192 -19.28 10.90 -4.81
C GLU A 192 -19.07 11.46 -6.20
N ASP A 193 -18.86 12.77 -6.32
CA ASP A 193 -18.68 13.36 -7.64
C ASP A 193 -17.31 13.03 -8.23
N LEU A 194 -16.42 12.51 -7.39
CA LEU A 194 -15.16 11.95 -7.87
C LEU A 194 -15.41 10.52 -8.29
N THR A 195 -16.07 10.37 -9.43
CA THR A 195 -16.58 9.08 -9.87
C THR A 195 -15.45 8.16 -10.34
N ASN A 196 -14.42 8.74 -10.93
CA ASN A 196 -13.30 7.95 -11.44
C ASN A 196 -12.49 7.39 -10.28
N VAL A 197 -12.29 8.17 -9.24
CA VAL A 197 -11.61 7.67 -8.04
C VAL A 197 -12.42 6.53 -7.41
N HIS A 198 -13.74 6.69 -7.33
CA HIS A 198 -14.57 5.62 -6.77
C HIS A 198 -14.53 4.35 -7.63
N ALA A 199 -14.52 4.50 -8.95
CA ALA A 199 -14.41 3.32 -9.82
C ALA A 199 -13.04 2.68 -9.63
N TYR A 200 -12.03 3.52 -9.47
CA TYR A 200 -10.66 3.07 -9.25
C TYR A 200 -10.53 2.24 -7.97
N THR A 201 -11.01 2.77 -6.85
CA THR A 201 -10.85 2.05 -5.58
C THR A 201 -11.75 0.82 -5.56
N GLU A 202 -12.95 0.90 -6.11
CA GLU A 202 -13.80 -0.30 -6.17
C GLU A 202 -13.15 -1.40 -7.01
N ALA A 203 -12.51 -1.02 -8.11
CA ALA A 203 -11.79 -1.99 -8.95
C ALA A 203 -10.58 -2.61 -8.24
N LEU A 204 -9.73 -1.76 -7.67
CA LEU A 204 -8.50 -2.27 -7.04
C LEU A 204 -8.78 -3.11 -5.80
N PHE A 205 -9.70 -2.65 -4.95
CA PHE A 205 -9.92 -3.36 -3.70
C PHE A 205 -10.59 -4.72 -3.91
N SER A 206 -11.19 -4.94 -5.07
CA SER A 206 -11.88 -6.20 -5.32
C SER A 206 -11.02 -7.19 -6.11
N ARG A 207 -9.79 -6.80 -6.46
CA ARG A 207 -8.87 -7.72 -7.11
C ARG A 207 -8.51 -8.85 -6.16
N GLU A 208 -8.41 -10.06 -6.71
CA GLU A 208 -8.02 -11.23 -5.92
C GLU A 208 -6.75 -10.96 -5.11
N SER A 209 -5.77 -10.30 -5.71
CA SER A 209 -4.50 -10.00 -5.03
C SER A 209 -4.72 -9.08 -3.81
N PHE A 210 -5.61 -8.10 -3.96
CA PHE A 210 -5.86 -7.16 -2.88
C PHE A 210 -6.61 -7.82 -1.74
N ILE A 211 -7.63 -8.61 -2.06
CA ILE A 211 -8.38 -9.32 -1.04
C ILE A 211 -7.44 -10.25 -0.28
N LYS A 212 -6.53 -10.89 -0.99
CA LYS A 212 -5.63 -11.85 -0.34
C LYS A 212 -4.60 -11.17 0.57
N THR A 213 -4.19 -9.95 0.22
CA THR A 213 -3.09 -9.32 0.94
C THR A 213 -3.43 -8.16 1.87
N LYS A 214 -4.71 -7.82 1.98
CA LYS A 214 -5.10 -6.68 2.82
C LYS A 214 -5.30 -7.11 4.26
N ALA A 215 -5.23 -6.13 5.16
CA ALA A 215 -5.56 -6.36 6.56
C ALA A 215 -7.07 -6.38 6.77
N ALA A 216 -7.52 -7.14 7.76
CA ALA A 216 -8.89 -7.01 8.25
C ALA A 216 -9.06 -5.57 8.75
N LYS A 217 -10.23 -4.99 8.51
CA LYS A 217 -10.40 -3.57 8.80
C LYS A 217 -10.25 -3.29 10.28
N GLU A 218 -10.69 -4.22 11.13
CA GLU A 218 -10.63 -4.00 12.57
C GLU A 218 -9.16 -3.86 13.02
N HIS A 219 -8.25 -4.57 12.35
CA HIS A 219 -6.83 -4.49 12.66
C HIS A 219 -6.21 -3.17 12.19
N LEU A 220 -6.63 -2.71 11.02
CA LEU A 220 -6.16 -1.44 10.48
C LEU A 220 -6.61 -0.28 11.38
N ILE A 221 -7.87 -0.35 11.79
CA ILE A 221 -8.45 0.63 12.68
C ILE A 221 -7.72 0.62 14.04
N ALA A 222 -7.44 -0.58 14.54
CA ALA A 222 -6.73 -0.70 15.81
C ALA A 222 -5.35 -0.08 15.71
N GLY A 223 -4.70 -0.29 14.56
CA GLY A 223 -3.38 0.24 14.30
C GLY A 223 -3.38 1.76 14.31
N TRP A 224 -4.42 2.37 13.75
CA TRP A 224 -4.51 3.82 13.75
C TRP A 224 -4.99 4.43 15.07
N ALA A 225 -5.66 3.63 15.91
CA ALA A 225 -6.26 4.16 17.13
C ALA A 225 -5.28 4.95 18.04
N PRO A 226 -4.10 4.40 18.34
CA PRO A 226 -3.23 5.21 19.22
C PRO A 226 -2.69 6.47 18.56
N LYS A 227 -2.56 6.45 17.24
CA LYS A 227 -1.99 7.58 16.51
C LYS A 227 -2.99 8.73 16.41
N VAL A 228 -4.26 8.41 16.57
CA VAL A 228 -5.32 9.42 16.51
C VAL A 228 -5.62 9.98 17.89
#